data_3ZIZ
#
_entry.id   3ZIZ
#
_cell.length_a   56.870
_cell.length_b   57.900
_cell.length_c   97.860
_cell.angle_alpha   90.00
_cell.angle_beta   90.00
_cell.angle_gamma   90.00
#
_symmetry.space_group_name_H-M   'P 21 21 21'
#
loop_
_entity.id
_entity.type
_entity.pdbx_description
1 polymer 'GH5 ENDO-BETA-1,4-MANNANASE'
2 non-polymer GLYCEROL
3 non-polymer 2-AMINO-2-HYDROXYMETHYL-PROPANE-1,3-DIOL
4 water water
#
_entity_poly.entity_id   1
_entity_poly.type   'polypeptide(L)'
_entity_poly.pdbx_seq_one_letter_code
;MGFLPQAQGGGAAASAKVSGTRFVIDGKTGYFAGTNSYWIGFLTNNRDVDTTLDHIASSGLKILRVWGFNDVNNQPSGNT
VWFQRLASSGSQINTGPNGLQRLDYLVRSAETRGIKLIIALVNYWDDFGGMKAYVNAFGGTKESWYTNARAQEQYKRYIQ
AVVSRYVNSPAIFAWELANEPRCKGCNTNVIFNWATQISDYIRSLDKDHLITLGDEGFGLPGQTTYPYQYGEGTDFVKNL
QIKNLDFGTFHMYPGHWGVPTSFGPGWIKDHAAACRAAGKPCLLEEYGYESDRCNVQKGWQQASRELSRDGMSGDLFWQW
GDQLSTGQTHNDGFTIYYGSSLATCLVTDHVRAINALPAGDEQKLISEEDLNSAVDHHHHHH
;
_entity_poly.pdbx_strand_id   A
#
# COMPACT_ATOMS: atom_id res chain seq x y z
N SER A 15 0.91 0.45 18.87
CA SER A 15 1.44 1.65 18.24
C SER A 15 0.67 2.08 16.96
N ALA A 16 -0.18 1.20 16.35
CA ALA A 16 -0.98 1.56 15.15
C ALA A 16 -2.34 0.87 15.19
N LYS A 17 -3.36 1.67 15.51
CA LYS A 17 -4.71 1.19 15.71
C LYS A 17 -5.72 2.07 14.99
N VAL A 18 -6.97 1.63 15.03
CA VAL A 18 -8.10 2.35 14.49
CA VAL A 18 -8.12 2.35 14.49
C VAL A 18 -9.05 2.73 15.64
N SER A 19 -9.65 3.91 15.55
CA SER A 19 -10.62 4.37 16.54
C SER A 19 -11.70 5.04 15.71
N GLY A 20 -12.81 4.35 15.49
CA GLY A 20 -13.87 4.88 14.64
C GLY A 20 -13.32 5.08 13.23
N THR A 21 -13.47 6.29 12.68
CA THR A 21 -12.97 6.56 11.34
C THR A 21 -11.59 7.23 11.36
N ARG A 22 -10.85 7.09 12.45
CA ARG A 22 -9.51 7.67 12.56
C ARG A 22 -8.46 6.66 12.93
N PHE A 23 -7.23 6.98 12.60
CA PHE A 23 -6.09 6.19 13.00
C PHE A 23 -5.51 6.69 14.31
N VAL A 24 -4.85 5.80 15.05
CA VAL A 24 -4.17 6.13 16.30
C VAL A 24 -2.76 5.62 16.17
N ILE A 25 -1.76 6.53 16.10
CA ILE A 25 -0.36 6.16 15.97
C ILE A 25 0.36 6.73 17.17
N ASP A 26 1.10 5.85 17.86
CA ASP A 26 1.85 6.21 19.07
C ASP A 26 0.93 6.91 20.08
N GLY A 27 -0.31 6.42 20.16
CA GLY A 27 -1.33 6.93 21.06
C GLY A 27 -1.99 8.24 20.67
N LYS A 28 -1.59 8.84 19.51
CA LYS A 28 -2.18 10.08 19.03
C LYS A 28 -3.25 9.73 17.98
N THR A 29 -4.48 10.22 18.14
CA THR A 29 -5.60 9.97 17.22
C THR A 29 -5.64 11.12 16.25
N GLY A 30 -5.68 10.82 14.96
CA GLY A 30 -5.77 11.90 14.00
C GLY A 30 -5.45 11.51 12.59
N TYR A 31 -5.13 12.53 11.79
CA TYR A 31 -4.79 12.42 10.39
C TYR A 31 -3.30 12.33 10.20
N PHE A 32 -2.86 11.33 9.43
CA PHE A 32 -1.44 11.14 9.20
C PHE A 32 -1.06 11.18 7.75
N ALA A 33 0.09 11.79 7.48
CA ALA A 33 0.63 11.83 6.13
C ALA A 33 1.72 10.77 6.03
N GLY A 34 1.90 10.20 4.84
CA GLY A 34 2.97 9.24 4.62
C GLY A 34 3.33 9.22 3.15
N THR A 35 4.04 8.16 2.75
CA THR A 35 4.50 8.05 1.39
C THR A 35 4.67 6.56 1.07
N ASN A 36 5.08 6.33 -0.14
CA ASN A 36 5.36 4.99 -0.67
C ASN A 36 6.84 4.92 -1.06
N SER A 37 7.47 3.76 -0.83
CA SER A 37 8.79 3.46 -1.35
C SER A 37 8.83 1.99 -1.64
N TYR A 38 8.61 1.61 -2.89
CA TYR A 38 8.62 0.19 -3.20
C TYR A 38 10.03 -0.37 -3.14
N TRP A 39 11.03 0.50 -3.29
CA TRP A 39 12.40 0.06 -3.42
C TRP A 39 13.14 -0.11 -2.10
N ILE A 40 12.63 0.47 -1.01
CA ILE A 40 13.41 0.48 0.26
C ILE A 40 13.63 -0.92 0.87
N GLY A 41 12.66 -1.83 0.72
CA GLY A 41 12.79 -3.17 1.24
C GLY A 41 13.76 -4.04 0.45
N PHE A 42 14.23 -3.54 -0.71
CA PHE A 42 15.11 -4.34 -1.57
C PHE A 42 16.53 -3.80 -1.56
N LEU A 43 16.78 -2.71 -0.83
CA LEU A 43 18.13 -2.15 -0.76
C LEU A 43 19.02 -3.14 -0.02
N THR A 44 20.29 -3.22 -0.45
CA THR A 44 21.25 -4.11 0.23
C THR A 44 22.21 -3.35 1.14
N ASN A 45 22.11 -2.02 1.16
CA ASN A 45 22.97 -1.16 1.96
C ASN A 45 22.14 -0.62 3.10
N ASN A 46 22.45 -1.05 4.34
CA ASN A 46 21.74 -0.67 5.55
C ASN A 46 21.72 0.85 5.75
N ARG A 47 22.84 1.53 5.43
CA ARG A 47 22.89 2.98 5.61
C ARG A 47 21.88 3.67 4.68
N ASP A 48 21.65 3.12 3.47
CA ASP A 48 20.67 3.74 2.54
C ASP A 48 19.24 3.61 3.08
N VAL A 49 18.95 2.49 3.78
CA VAL A 49 17.64 2.33 4.41
C VAL A 49 17.49 3.36 5.55
N ASP A 50 18.53 3.44 6.42
CA ASP A 50 18.47 4.35 7.55
C ASP A 50 18.32 5.81 7.11
N THR A 51 19.13 6.26 6.15
CA THR A 51 19.05 7.67 5.78
C THR A 51 17.71 8.02 5.13
N THR A 52 17.15 7.10 4.32
CA THR A 52 15.83 7.35 3.72
C THR A 52 14.78 7.45 4.83
N LEU A 53 14.81 6.51 5.80
CA LEU A 53 13.84 6.60 6.88
C LEU A 53 14.06 7.84 7.73
N ASP A 54 15.33 8.25 7.92
CA ASP A 54 15.58 9.49 8.70
C ASP A 54 14.93 10.68 8.01
N HIS A 55 15.05 10.75 6.68
CA HIS A 55 14.46 11.86 5.91
C HIS A 55 12.95 11.85 6.00
N ILE A 56 12.32 10.66 5.87
CA ILE A 56 10.86 10.54 5.96
C ILE A 56 10.40 10.98 7.37
N ALA A 57 11.09 10.48 8.42
CA ALA A 57 10.71 10.79 9.78
C ALA A 57 10.92 12.28 10.09
N SER A 58 12.04 12.87 9.64
CA SER A 58 12.29 14.30 9.88
C SER A 58 11.29 15.19 9.13
N SER A 59 10.65 14.65 8.07
CA SER A 59 9.63 15.36 7.32
C SER A 59 8.26 15.32 8.01
N GLY A 60 8.13 14.59 9.11
CA GLY A 60 6.87 14.49 9.83
C GLY A 60 5.92 13.47 9.23
N LEU A 61 6.43 12.61 8.37
CA LEU A 61 5.63 11.53 7.78
C LEU A 61 5.67 10.34 8.74
N LYS A 62 4.53 9.67 8.95
CA LYS A 62 4.47 8.61 9.93
C LYS A 62 4.26 7.23 9.30
N ILE A 63 3.74 7.17 8.07
CA ILE A 63 3.42 5.89 7.43
C ILE A 63 4.22 5.73 6.17
N LEU A 64 4.80 4.53 6.00
CA LEU A 64 5.54 4.25 4.79
C LEU A 64 5.04 2.94 4.22
N ARG A 65 4.57 2.98 2.97
CA ARG A 65 4.06 1.78 2.28
C ARG A 65 5.16 1.21 1.40
N VAL A 66 5.40 -0.10 1.56
CA VAL A 66 6.50 -0.77 0.90
C VAL A 66 6.02 -2.08 0.29
N TRP A 67 6.84 -2.63 -0.63
CA TRP A 67 6.54 -3.97 -1.16
C TRP A 67 7.18 -5.01 -0.23
N GLY A 68 6.37 -5.95 0.25
CA GLY A 68 6.85 -7.07 1.07
C GLY A 68 6.89 -8.32 0.23
N PHE A 69 6.92 -8.17 -1.09
CA PHE A 69 7.00 -9.27 -2.06
C PHE A 69 8.14 -8.99 -3.01
N ASN A 70 8.70 -10.06 -3.60
CA ASN A 70 9.70 -9.92 -4.65
C ASN A 70 9.74 -11.31 -5.26
N ASP A 71 8.87 -11.52 -6.24
CA ASP A 71 8.64 -12.83 -6.82
C ASP A 71 9.33 -13.03 -8.12
N VAL A 72 9.95 -14.21 -8.31
CA VAL A 72 10.65 -14.49 -9.57
C VAL A 72 10.27 -15.88 -10.02
N ASN A 73 10.35 -16.14 -11.33
CA ASN A 73 10.18 -17.52 -11.81
C ASN A 73 11.54 -18.18 -11.93
N ASN A 74 12.58 -17.40 -12.23
CA ASN A 74 13.97 -17.89 -12.27
C ASN A 74 14.77 -17.06 -11.28
N GLN A 75 15.58 -17.72 -10.48
CA GLN A 75 16.41 -17.00 -9.53
C GLN A 75 17.38 -16.02 -10.23
N PRO A 76 17.44 -14.74 -9.78
CA PRO A 76 18.36 -13.79 -10.42
C PRO A 76 19.83 -14.10 -10.11
N SER A 77 20.72 -13.57 -10.95
CA SER A 77 22.17 -13.77 -10.82
C SER A 77 22.77 -12.90 -9.75
N GLY A 78 23.90 -13.37 -9.21
CA GLY A 78 24.66 -12.67 -8.19
C GLY A 78 23.95 -12.52 -6.86
N ASN A 79 24.03 -11.33 -6.31
CA ASN A 79 23.47 -11.00 -5.01
C ASN A 79 22.13 -10.27 -5.13
N THR A 80 21.52 -10.27 -6.34
CA THR A 80 20.21 -9.60 -6.58
C THR A 80 19.20 -10.15 -5.57
N VAL A 81 18.45 -9.23 -4.95
CA VAL A 81 17.44 -9.54 -3.96
C VAL A 81 16.23 -10.21 -4.61
N TRP A 82 15.76 -11.26 -3.96
CA TRP A 82 14.52 -11.94 -4.33
C TRP A 82 13.95 -12.51 -3.06
N PHE A 83 12.61 -12.53 -2.96
CA PHE A 83 11.98 -13.10 -1.76
C PHE A 83 11.34 -14.46 -2.00
N GLN A 84 10.89 -14.74 -3.21
CA GLN A 84 10.24 -16.02 -3.49
C GLN A 84 10.47 -16.42 -4.92
N ARG A 85 10.81 -17.72 -5.15
CA ARG A 85 10.95 -18.25 -6.50
C ARG A 85 9.76 -19.18 -6.70
N LEU A 86 8.98 -18.92 -7.74
CA LEU A 86 7.76 -19.62 -8.04
C LEU A 86 7.95 -20.54 -9.20
N ALA A 87 7.68 -21.83 -8.97
CA ALA A 87 7.78 -22.83 -10.03
C ALA A 87 6.69 -23.86 -9.80
N SER A 88 6.27 -24.57 -10.86
CA SER A 88 5.21 -25.58 -10.76
CA SER A 88 5.21 -25.59 -10.78
C SER A 88 5.43 -26.51 -9.57
N SER A 89 6.68 -26.92 -9.35
CA SER A 89 7.04 -27.72 -8.19
C SER A 89 8.27 -27.09 -7.56
N GLY A 90 8.38 -27.17 -6.24
CA GLY A 90 9.59 -26.74 -5.58
C GLY A 90 9.80 -25.25 -5.40
N SER A 91 8.71 -24.46 -5.34
CA SER A 91 8.86 -23.01 -5.05
C SER A 91 9.64 -22.88 -3.73
N GLN A 92 10.40 -21.79 -3.60
CA GLN A 92 11.21 -21.57 -2.40
C GLN A 92 11.11 -20.13 -1.96
N ILE A 93 11.07 -19.91 -0.66
CA ILE A 93 11.04 -18.59 -0.08
C ILE A 93 12.46 -18.31 0.41
N ASN A 94 12.99 -17.15 0.07
CA ASN A 94 14.36 -16.78 0.42
C ASN A 94 14.40 -16.08 1.77
N THR A 95 14.96 -16.77 2.78
CA THR A 95 15.15 -16.17 4.09
C THR A 95 16.62 -15.81 4.31
N GLY A 96 17.40 -15.84 3.23
CA GLY A 96 18.82 -15.53 3.25
C GLY A 96 19.13 -14.05 3.32
N PRO A 97 20.43 -13.70 3.30
CA PRO A 97 20.82 -12.29 3.41
C PRO A 97 20.30 -11.39 2.31
N ASN A 98 20.09 -11.93 1.08
CA ASN A 98 19.54 -11.17 -0.02
C ASN A 98 18.04 -11.48 -0.21
N GLY A 99 17.42 -12.02 0.81
CA GLY A 99 16.00 -12.32 0.81
C GLY A 99 15.28 -11.53 1.88
N LEU A 100 14.47 -12.22 2.70
CA LEU A 100 13.65 -11.58 3.70
C LEU A 100 14.44 -10.90 4.81
N GLN A 101 15.75 -11.17 4.90
CA GLN A 101 16.57 -10.46 5.88
C GLN A 101 16.62 -8.95 5.50
N ARG A 102 16.40 -8.60 4.19
CA ARG A 102 16.37 -7.20 3.79
C ARG A 102 15.10 -6.53 4.31
N LEU A 103 13.99 -7.27 4.33
CA LEU A 103 12.76 -6.75 4.90
C LEU A 103 12.92 -6.66 6.42
N ASP A 104 13.65 -7.63 7.04
CA ASP A 104 13.87 -7.57 8.48
C ASP A 104 14.61 -6.29 8.83
N TYR A 105 15.61 -5.92 8.02
CA TYR A 105 16.38 -4.74 8.36
C TYR A 105 15.49 -3.50 8.25
N LEU A 106 14.65 -3.44 7.21
CA LEU A 106 13.73 -2.31 7.07
C LEU A 106 12.84 -2.19 8.29
N VAL A 107 12.28 -3.33 8.75
CA VAL A 107 11.41 -3.28 9.91
C VAL A 107 12.16 -2.75 11.14
N ARG A 108 13.36 -3.30 11.41
CA ARG A 108 14.10 -2.85 12.59
C ARG A 108 14.45 -1.36 12.46
N SER A 109 14.89 -0.90 11.27
CA SER A 109 15.24 0.51 11.10
C SER A 109 14.02 1.40 11.28
N ALA A 110 12.84 0.95 10.82
CA ALA A 110 11.60 1.69 11.03
C ALA A 110 11.20 1.73 12.50
N GLU A 111 11.41 0.62 13.25
CA GLU A 111 11.12 0.61 14.71
C GLU A 111 11.92 1.74 15.38
N THR A 112 13.21 1.84 15.09
CA THR A 112 14.11 2.84 15.68
C THR A 112 13.73 4.24 15.29
N ARG A 113 13.28 4.42 14.04
CA ARG A 113 13.02 5.76 13.52
C ARG A 113 11.55 6.25 13.63
N GLY A 114 10.68 5.44 14.22
CA GLY A 114 9.30 5.82 14.46
C GLY A 114 8.41 5.82 13.23
N ILE A 115 8.71 4.96 12.26
CA ILE A 115 7.93 4.88 11.03
C ILE A 115 7.09 3.63 11.06
N LYS A 116 5.81 3.71 10.67
CA LYS A 116 4.89 2.57 10.62
C LYS A 116 4.75 2.13 9.18
N LEU A 117 4.96 0.85 8.94
CA LEU A 117 4.98 0.30 7.59
C LEU A 117 3.69 -0.36 7.14
N ILE A 118 3.27 -0.08 5.90
CA ILE A 118 2.21 -0.86 5.29
C ILE A 118 2.99 -1.81 4.39
N ILE A 119 2.83 -3.14 4.59
CA ILE A 119 3.58 -4.10 3.80
C ILE A 119 2.62 -4.90 2.93
N ALA A 120 2.68 -4.66 1.58
CA ALA A 120 1.83 -5.38 0.62
C ALA A 120 2.49 -6.74 0.34
N LEU A 121 1.65 -7.77 0.17
CA LEU A 121 2.16 -9.14 0.12
C LEU A 121 2.18 -9.82 -1.26
N VAL A 122 1.61 -9.18 -2.29
CA VAL A 122 1.72 -9.60 -3.69
C VAL A 122 1.36 -8.39 -4.53
N ASN A 123 1.83 -8.38 -5.79
CA ASN A 123 1.47 -7.32 -6.70
C ASN A 123 0.41 -7.83 -7.66
N TYR A 124 -0.58 -6.99 -7.97
CA TYR A 124 -1.44 -7.31 -9.10
C TYR A 124 -0.61 -7.10 -10.38
N TRP A 125 0.23 -6.04 -10.41
CA TRP A 125 1.04 -5.73 -11.59
C TRP A 125 2.25 -6.66 -11.68
N ASP A 126 2.94 -6.64 -12.79
CA ASP A 126 4.04 -7.56 -13.06
C ASP A 126 5.31 -7.18 -12.35
N ASP A 127 5.40 -5.94 -11.82
CA ASP A 127 6.66 -5.53 -11.18
C ASP A 127 6.95 -6.37 -9.99
N PHE A 128 8.18 -6.89 -9.93
CA PHE A 128 8.55 -7.76 -8.85
C PHE A 128 7.70 -9.02 -8.85
N GLY A 129 7.42 -9.50 -10.07
CA GLY A 129 6.78 -10.79 -10.30
C GLY A 129 5.30 -10.70 -10.43
N GLY A 130 4.64 -10.36 -9.33
CA GLY A 130 3.20 -10.21 -9.30
C GLY A 130 2.42 -11.49 -9.49
N MET A 131 1.11 -11.33 -9.66
CA MET A 131 0.25 -12.48 -9.93
C MET A 131 0.71 -13.17 -11.22
N LYS A 132 1.32 -12.45 -12.18
CA LYS A 132 1.86 -13.03 -13.41
C LYS A 132 2.88 -14.12 -13.06
N ALA A 133 3.77 -13.87 -12.10
CA ALA A 133 4.76 -14.89 -11.77
C ALA A 133 4.09 -16.14 -11.18
N TYR A 134 2.98 -15.96 -10.45
CA TYR A 134 2.25 -17.12 -9.95
C TYR A 134 1.53 -17.84 -11.10
N VAL A 135 0.96 -17.09 -12.06
CA VAL A 135 0.29 -17.69 -13.24
C VAL A 135 1.32 -18.48 -14.07
N ASN A 136 2.53 -17.95 -14.21
CA ASN A 136 3.55 -18.69 -14.95
C ASN A 136 3.88 -20.03 -14.32
N ALA A 137 3.86 -20.08 -12.99
CA ALA A 137 4.16 -21.31 -12.27
C ALA A 137 3.00 -22.27 -12.19
N PHE A 138 1.79 -21.73 -11.95
CA PHE A 138 0.61 -22.49 -11.58
C PHE A 138 -0.51 -22.51 -12.59
N GLY A 139 -0.30 -21.91 -13.76
CA GLY A 139 -1.29 -21.93 -14.82
C GLY A 139 -2.44 -20.97 -14.61
N GLY A 140 -3.40 -21.03 -15.52
CA GLY A 140 -4.57 -20.17 -15.46
C GLY A 140 -4.28 -18.80 -16.03
N THR A 141 -5.08 -17.85 -15.59
CA THR A 141 -4.98 -16.46 -16.00
C THR A 141 -4.89 -15.59 -14.78
N LYS A 142 -4.60 -14.30 -14.98
CA LYS A 142 -4.60 -13.38 -13.86
C LYS A 142 -5.97 -13.35 -13.18
N GLU A 143 -7.07 -13.50 -13.93
CA GLU A 143 -8.39 -13.44 -13.33
C GLU A 143 -8.68 -14.69 -12.51
N SER A 144 -8.10 -15.85 -12.91
CA SER A 144 -8.32 -17.07 -12.15
C SER A 144 -7.34 -17.21 -11.02
N TRP A 145 -6.35 -16.28 -10.90
CA TRP A 145 -5.40 -16.40 -9.81
C TRP A 145 -6.05 -16.53 -8.41
N TYR A 146 -7.17 -15.79 -8.19
CA TYR A 146 -7.83 -15.77 -6.91
C TYR A 146 -8.43 -17.11 -6.50
N THR A 147 -8.75 -17.97 -7.49
CA THR A 147 -9.37 -19.28 -7.27
C THR A 147 -8.45 -20.41 -7.74
N ASN A 148 -7.17 -20.12 -7.99
CA ASN A 148 -6.21 -21.10 -8.44
C ASN A 148 -5.65 -21.69 -7.14
N ALA A 149 -5.95 -22.97 -6.89
CA ALA A 149 -5.59 -23.56 -5.61
C ALA A 149 -4.09 -23.60 -5.36
N ARG A 150 -3.30 -23.99 -6.35
CA ARG A 150 -1.87 -24.05 -6.15
C ARG A 150 -1.26 -22.68 -5.96
N ALA A 151 -1.77 -21.66 -6.68
CA ALA A 151 -1.26 -20.30 -6.50
C ALA A 151 -1.65 -19.75 -5.14
N GLN A 152 -2.89 -20.00 -4.69
CA GLN A 152 -3.33 -19.50 -3.39
C GLN A 152 -2.61 -20.22 -2.23
N GLU A 153 -2.31 -21.52 -2.44
CA GLU A 153 -1.58 -22.30 -1.44
CA GLU A 153 -1.60 -22.28 -1.43
C GLU A 153 -0.19 -21.69 -1.24
N GLN A 154 0.51 -21.38 -2.34
CA GLN A 154 1.85 -20.81 -2.22
C GLN A 154 1.79 -19.36 -1.70
N TYR A 155 0.80 -18.59 -2.16
CA TYR A 155 0.63 -17.21 -1.66
C TYR A 155 0.42 -17.22 -0.13
N LYS A 156 -0.43 -18.13 0.40
CA LYS A 156 -0.59 -18.26 1.87
C LYS A 156 0.66 -18.70 2.55
N ARG A 157 1.47 -19.59 1.91
CA ARG A 157 2.73 -19.97 2.54
C ARG A 157 3.62 -18.74 2.61
N TYR A 158 3.56 -17.89 1.56
CA TYR A 158 4.41 -16.71 1.56
C TYR A 158 3.94 -15.72 2.64
N ILE A 159 2.61 -15.52 2.75
CA ILE A 159 2.07 -14.66 3.81
C ILE A 159 2.59 -15.15 5.17
N GLN A 160 2.49 -16.47 5.44
CA GLN A 160 2.93 -16.98 6.73
C GLN A 160 4.42 -16.67 6.95
N ALA A 161 5.26 -16.83 5.90
CA ALA A 161 6.69 -16.59 6.02
C ALA A 161 7.03 -15.14 6.36
N VAL A 162 6.24 -14.19 5.85
CA VAL A 162 6.46 -12.77 6.15
C VAL A 162 5.85 -12.35 7.48
N VAL A 163 4.55 -12.59 7.66
CA VAL A 163 3.83 -12.17 8.86
C VAL A 163 4.46 -12.72 10.12
N SER A 164 4.82 -14.00 10.10
CA SER A 164 5.42 -14.60 11.29
C SER A 164 6.70 -13.92 11.79
N ARG A 165 7.41 -13.20 10.93
CA ARG A 165 8.64 -12.51 11.28
C ARG A 165 8.37 -11.23 12.08
N TYR A 166 7.23 -10.57 11.85
CA TYR A 166 7.01 -9.24 12.44
C TYR A 166 5.80 -9.09 13.29
N VAL A 167 5.19 -10.21 13.70
CA VAL A 167 3.98 -10.20 14.55
CA VAL A 167 3.97 -10.16 14.49
C VAL A 167 4.19 -9.31 15.77
N ASN A 168 5.38 -9.35 16.37
CA ASN A 168 5.61 -8.56 17.58
C ASN A 168 6.28 -7.21 17.34
N SER A 169 6.31 -6.73 16.09
CA SER A 169 6.94 -5.47 15.83
C SER A 169 5.95 -4.34 15.98
N PRO A 170 6.38 -3.24 16.63
CA PRO A 170 5.50 -2.07 16.73
C PRO A 170 5.64 -1.19 15.49
N ALA A 171 6.45 -1.61 14.51
CA ALA A 171 6.62 -0.83 13.29
C ALA A 171 5.67 -1.22 12.14
N ILE A 172 4.77 -2.19 12.37
CA ILE A 172 3.82 -2.55 11.31
C ILE A 172 2.58 -1.69 11.44
N PHE A 173 2.29 -0.85 10.44
CA PHE A 173 1.05 -0.13 10.44
C PHE A 173 -0.05 -1.13 10.02
N ALA A 174 0.14 -1.81 8.89
CA ALA A 174 -0.87 -2.78 8.45
C ALA A 174 -0.25 -3.77 7.50
N TRP A 175 -0.82 -4.98 7.51
CA TRP A 175 -0.58 -5.97 6.49
C TRP A 175 -1.49 -5.62 5.33
N GLU A 176 -1.00 -5.68 4.10
CA GLU A 176 -1.84 -5.39 2.96
C GLU A 176 -1.88 -6.58 2.02
N LEU A 177 -3.06 -7.03 1.68
CA LEU A 177 -3.20 -8.25 0.85
C LEU A 177 -2.48 -8.17 -0.46
N ALA A 178 -2.68 -7.06 -1.20
CA ALA A 178 -2.07 -6.97 -2.49
C ALA A 178 -1.94 -5.53 -2.88
N ASN A 179 -1.07 -5.25 -3.85
CA ASN A 179 -1.03 -3.91 -4.41
C ASN A 179 -1.99 -3.89 -5.60
N GLU A 180 -3.02 -3.06 -5.47
CA GLU A 180 -3.97 -2.78 -6.55
C GLU A 180 -4.63 -4.04 -7.14
N PRO A 181 -5.11 -5.00 -6.33
CA PRO A 181 -5.77 -6.17 -6.92
C PRO A 181 -6.99 -5.77 -7.78
N ARG A 182 -7.10 -6.40 -8.95
CA ARG A 182 -8.23 -6.24 -9.84
C ARG A 182 -8.60 -7.62 -10.33
N CYS A 183 -9.82 -7.76 -10.84
CA CYS A 183 -10.24 -8.99 -11.48
C CYS A 183 -11.11 -8.46 -12.63
N LYS A 184 -10.48 -8.14 -13.73
CA LYS A 184 -11.14 -7.44 -14.82
C LYS A 184 -12.27 -8.24 -15.40
N GLY A 185 -13.45 -7.67 -15.30
CA GLY A 185 -14.66 -8.31 -15.81
C GLY A 185 -15.23 -9.38 -14.92
N CYS A 186 -14.63 -9.59 -13.75
CA CYS A 186 -15.09 -10.62 -12.84
C CYS A 186 -16.26 -10.12 -12.04
N ASN A 187 -17.07 -11.05 -11.55
CA ASN A 187 -18.07 -10.72 -10.57
C ASN A 187 -17.30 -10.13 -9.35
N THR A 188 -17.82 -9.05 -8.75
CA THR A 188 -17.11 -8.43 -7.61
C THR A 188 -17.04 -9.36 -6.40
N ASN A 189 -17.81 -10.49 -6.40
CA ASN A 189 -17.69 -11.44 -5.30
C ASN A 189 -16.36 -12.17 -5.32
N VAL A 190 -15.66 -12.24 -6.48
CA VAL A 190 -14.38 -12.97 -6.51
C VAL A 190 -13.39 -12.33 -5.55
N ILE A 191 -13.13 -11.04 -5.72
CA ILE A 191 -12.20 -10.38 -4.80
C ILE A 191 -12.81 -10.28 -3.41
N PHE A 192 -14.15 -10.07 -3.28
CA PHE A 192 -14.73 -10.04 -1.95
C PHE A 192 -14.47 -11.34 -1.17
N ASN A 193 -14.74 -12.50 -1.81
CA ASN A 193 -14.56 -13.78 -1.12
C ASN A 193 -13.12 -14.06 -0.86
N TRP A 194 -12.26 -13.71 -1.82
CA TRP A 194 -10.83 -13.93 -1.66
C TRP A 194 -10.27 -13.07 -0.50
N ALA A 195 -10.66 -11.80 -0.48
CA ALA A 195 -10.18 -10.90 0.54
C ALA A 195 -10.71 -11.31 1.92
N THR A 196 -11.94 -11.86 1.97
CA THR A 196 -12.46 -12.33 3.25
C THR A 196 -11.63 -13.48 3.73
N GLN A 197 -11.37 -14.47 2.85
CA GLN A 197 -10.61 -15.61 3.36
C GLN A 197 -9.15 -15.30 3.68
N ILE A 198 -8.50 -14.44 2.88
CA ILE A 198 -7.10 -14.09 3.16
C ILE A 198 -6.99 -13.18 4.38
N SER A 199 -7.92 -12.19 4.53
CA SER A 199 -7.82 -11.38 5.77
C SER A 199 -8.09 -12.22 7.03
N ASP A 200 -8.96 -13.25 6.92
CA ASP A 200 -9.19 -14.12 8.07
C ASP A 200 -7.94 -14.94 8.33
N TYR A 201 -7.22 -15.34 7.26
CA TYR A 201 -5.98 -16.07 7.45
C TYR A 201 -4.91 -15.22 8.12
N ILE A 202 -4.72 -13.98 7.63
CA ILE A 202 -3.71 -13.10 8.24
C ILE A 202 -4.07 -12.86 9.72
N ARG A 203 -5.35 -12.64 10.00
CA ARG A 203 -5.79 -12.40 11.38
C ARG A 203 -5.43 -13.60 12.28
N SER A 204 -5.47 -14.83 11.73
CA SER A 204 -5.11 -16.00 12.53
C SER A 204 -3.64 -16.02 12.88
N LEU A 205 -2.82 -15.36 12.07
CA LEU A 205 -1.40 -15.31 12.29
C LEU A 205 -1.01 -14.12 13.14
N ASP A 206 -1.80 -13.04 13.06
CA ASP A 206 -1.48 -11.81 13.76
C ASP A 206 -2.78 -11.17 14.17
N LYS A 207 -3.12 -11.34 15.46
CA LYS A 207 -4.41 -10.80 15.91
C LYS A 207 -4.49 -9.30 16.00
N ASP A 208 -3.36 -8.63 16.22
CA ASP A 208 -3.40 -7.25 16.63
C ASP A 208 -3.10 -6.19 15.56
N HIS A 209 -2.30 -6.50 14.55
CA HIS A 209 -2.00 -5.47 13.56
C HIS A 209 -3.18 -5.23 12.62
N LEU A 210 -3.30 -4.01 12.11
CA LEU A 210 -4.31 -3.71 11.13
C LEU A 210 -4.05 -4.48 9.82
N ILE A 211 -5.14 -4.69 9.10
CA ILE A 211 -5.13 -5.39 7.81
C ILE A 211 -5.95 -4.59 6.83
N THR A 212 -5.47 -4.48 5.57
CA THR A 212 -6.22 -3.77 4.57
C THR A 212 -6.06 -4.46 3.21
N LEU A 213 -6.91 -4.09 2.26
CA LEU A 213 -6.89 -4.74 0.95
C LEU A 213 -5.78 -4.27 0.03
N GLY A 214 -5.62 -2.95 -0.12
CA GLY A 214 -4.61 -2.41 -1.02
C GLY A 214 -5.12 -2.05 -2.40
N ASP A 215 -6.44 -2.15 -2.57
CA ASP A 215 -7.08 -1.81 -3.84
C ASP A 215 -7.09 -0.33 -4.15
N GLU A 216 -7.36 -0.04 -5.42
CA GLU A 216 -7.47 1.34 -5.95
C GLU A 216 -8.75 2.04 -5.52
N GLY A 217 -9.75 1.26 -5.05
CA GLY A 217 -11.01 1.81 -4.58
C GLY A 217 -12.03 1.95 -5.69
N PHE A 218 -11.87 1.24 -6.79
CA PHE A 218 -12.85 1.32 -7.86
C PHE A 218 -14.17 0.67 -7.43
N GLY A 219 -15.23 1.16 -7.99
CA GLY A 219 -16.55 0.55 -7.77
C GLY A 219 -17.28 1.09 -6.57
N LEU A 220 -18.00 2.21 -6.78
CA LEU A 220 -18.73 2.78 -5.65
C LEU A 220 -19.64 3.86 -6.15
N PRO A 221 -20.62 4.29 -5.34
CA PRO A 221 -21.50 5.36 -5.83
C PRO A 221 -20.83 6.72 -5.90
N GLY A 222 -21.30 7.55 -6.81
CA GLY A 222 -20.91 8.96 -6.82
C GLY A 222 -20.96 9.62 -8.16
N GLN A 223 -20.35 8.97 -9.15
CA GLN A 223 -20.30 9.46 -10.53
C GLN A 223 -20.35 8.28 -11.45
N THR A 224 -20.50 8.55 -12.74
CA THR A 224 -20.58 7.47 -13.72
C THR A 224 -19.31 7.28 -14.52
N THR A 225 -18.21 7.95 -14.10
CA THR A 225 -16.95 7.80 -14.79
C THR A 225 -16.34 6.43 -14.54
N TYR A 226 -15.30 6.12 -15.33
CA TYR A 226 -14.64 4.82 -15.28
C TYR A 226 -14.27 4.35 -13.84
N PRO A 227 -13.63 5.17 -12.99
CA PRO A 227 -13.18 4.66 -11.70
C PRO A 227 -14.30 4.23 -10.75
N TYR A 228 -15.51 4.72 -10.96
CA TYR A 228 -16.67 4.37 -10.15
C TYR A 228 -17.31 3.06 -10.59
N GLN A 229 -16.87 2.51 -11.70
CA GLN A 229 -17.50 1.31 -12.26
C GLN A 229 -17.02 0.07 -11.60
N TYR A 230 -17.78 -1.04 -11.75
CA TYR A 230 -17.48 -2.33 -11.15
C TYR A 230 -16.72 -3.25 -12.15
N GLY A 231 -16.27 -2.70 -13.25
CA GLY A 231 -15.60 -3.48 -14.30
C GLY A 231 -14.22 -4.02 -14.00
N GLU A 232 -13.63 -3.58 -12.89
CA GLU A 232 -12.29 -4.06 -12.47
C GLU A 232 -12.39 -5.09 -11.37
N GLY A 233 -13.60 -5.59 -11.11
CA GLY A 233 -13.80 -6.66 -10.15
C GLY A 233 -13.90 -6.24 -8.71
N THR A 234 -13.87 -4.95 -8.43
CA THR A 234 -13.98 -4.52 -7.05
C THR A 234 -15.25 -3.69 -6.84
N ASP A 235 -15.79 -3.82 -5.64
CA ASP A 235 -16.86 -2.99 -5.14
C ASP A 235 -16.38 -2.50 -3.77
N PHE A 236 -15.98 -1.22 -3.71
CA PHE A 236 -15.39 -0.62 -2.54
C PHE A 236 -16.30 -0.76 -1.31
N VAL A 237 -17.61 -0.50 -1.51
CA VAL A 237 -18.56 -0.55 -0.41
C VAL A 237 -18.72 -1.98 0.11
N LYS A 238 -18.82 -2.93 -0.83
CA LYS A 238 -18.93 -4.34 -0.47
C LYS A 238 -17.73 -4.80 0.31
N ASN A 239 -16.51 -4.42 -0.17
CA ASN A 239 -15.28 -4.87 0.52
C ASN A 239 -15.08 -4.24 1.90
N LEU A 240 -15.68 -3.04 2.14
CA LEU A 240 -15.59 -2.43 3.48
C LEU A 240 -16.35 -3.23 4.54
N GLN A 241 -17.23 -4.13 4.12
CA GLN A 241 -18.01 -4.96 5.05
C GLN A 241 -17.18 -6.12 5.58
N ILE A 242 -15.99 -6.38 5.00
CA ILE A 242 -15.19 -7.52 5.41
C ILE A 242 -14.69 -7.26 6.81
N LYS A 243 -15.01 -8.19 7.74
CA LYS A 243 -14.69 -8.06 9.15
C LYS A 243 -13.22 -7.82 9.45
N ASN A 244 -12.34 -8.55 8.77
CA ASN A 244 -10.94 -8.43 9.09
C ASN A 244 -10.17 -7.45 8.23
N LEU A 245 -10.86 -6.53 7.55
CA LEU A 245 -10.22 -5.38 6.89
C LEU A 245 -10.55 -4.17 7.77
N ASP A 246 -9.52 -3.56 8.35
CA ASP A 246 -9.74 -2.48 9.35
C ASP A 246 -9.99 -1.12 8.78
N PHE A 247 -9.55 -0.89 7.53
CA PHE A 247 -9.71 0.42 6.91
C PHE A 247 -9.75 0.26 5.42
N GLY A 248 -10.34 1.24 4.75
CA GLY A 248 -10.44 1.32 3.30
C GLY A 248 -9.22 1.98 2.68
N THR A 249 -8.84 1.51 1.50
CA THR A 249 -7.74 2.10 0.75
C THR A 249 -8.29 2.48 -0.60
N PHE A 250 -7.80 3.60 -1.12
CA PHE A 250 -8.10 3.94 -2.49
C PHE A 250 -6.92 4.69 -3.04
N HIS A 251 -6.77 4.65 -4.35
CA HIS A 251 -5.65 5.29 -5.05
C HIS A 251 -6.22 6.31 -6.00
N MET A 252 -5.36 7.19 -6.57
CA MET A 252 -5.89 8.27 -7.40
C MET A 252 -4.91 8.64 -8.48
N TYR A 253 -5.22 8.26 -9.72
CA TYR A 253 -4.41 8.52 -10.90
C TYR A 253 -5.30 8.97 -12.05
N PRO A 254 -5.85 10.20 -12.00
CA PRO A 254 -6.75 10.62 -13.08
C PRO A 254 -6.18 10.59 -14.48
N GLY A 255 -4.88 10.87 -14.63
CA GLY A 255 -4.24 10.87 -15.95
C GLY A 255 -4.20 9.52 -16.63
N HIS A 256 -4.41 8.43 -15.89
CA HIS A 256 -4.43 7.07 -16.44
C HIS A 256 -5.85 6.60 -16.64
N TRP A 257 -6.80 7.33 -16.04
CA TRP A 257 -8.18 6.88 -15.93
C TRP A 257 -9.18 7.62 -16.81
N GLY A 258 -8.69 8.53 -17.66
CA GLY A 258 -9.55 9.26 -18.59
C GLY A 258 -10.49 10.25 -17.93
N VAL A 259 -10.11 10.75 -16.74
CA VAL A 259 -10.89 11.73 -16.01
C VAL A 259 -10.03 12.95 -15.70
N PRO A 260 -10.63 14.15 -15.53
CA PRO A 260 -9.80 15.33 -15.26
C PRO A 260 -9.31 15.33 -13.82
N THR A 261 -8.32 16.18 -13.54
CA THR A 261 -7.82 16.28 -12.16
C THR A 261 -8.90 16.78 -11.21
N SER A 262 -9.84 17.57 -11.75
CA SER A 262 -10.96 18.08 -10.96
C SER A 262 -11.91 16.99 -10.44
N PHE A 263 -11.76 15.74 -10.91
CA PHE A 263 -12.55 14.63 -10.36
C PHE A 263 -12.03 14.25 -8.96
N GLY A 264 -10.82 14.69 -8.62
CA GLY A 264 -10.15 14.33 -7.39
C GLY A 264 -10.92 14.60 -6.11
N PRO A 265 -11.34 15.84 -5.85
CA PRO A 265 -12.09 16.10 -4.62
C PRO A 265 -13.34 15.22 -4.43
N GLY A 266 -14.09 14.99 -5.53
CA GLY A 266 -15.27 14.14 -5.47
C GLY A 266 -14.90 12.68 -5.22
N TRP A 267 -13.81 12.22 -5.85
CA TRP A 267 -13.32 10.85 -5.65
C TRP A 267 -12.99 10.67 -4.17
N ILE A 268 -12.29 11.65 -3.57
CA ILE A 268 -11.98 11.58 -2.16
C ILE A 268 -13.26 11.59 -1.30
N LYS A 269 -14.14 12.56 -1.59
CA LYS A 269 -15.41 12.68 -0.85
C LYS A 269 -16.22 11.38 -0.89
N ASP A 270 -16.31 10.77 -2.08
CA ASP A 270 -17.15 9.59 -2.27
C ASP A 270 -16.59 8.40 -1.52
N HIS A 271 -15.25 8.27 -1.45
CA HIS A 271 -14.66 7.20 -0.63
C HIS A 271 -14.85 7.48 0.86
N ALA A 272 -14.58 8.72 1.28
CA ALA A 272 -14.76 9.07 2.69
C ALA A 272 -16.21 8.81 3.15
N ALA A 273 -17.20 9.06 2.29
CA ALA A 273 -18.60 8.82 2.66
C ALA A 273 -18.85 7.30 2.86
N ALA A 274 -18.23 6.45 2.01
CA ALA A 274 -18.39 5.02 2.17
C ALA A 274 -17.73 4.53 3.43
N CYS A 275 -16.50 5.05 3.71
CA CYS A 275 -15.80 4.67 4.93
C CYS A 275 -16.59 5.12 6.16
N ARG A 276 -17.11 6.36 6.15
CA ARG A 276 -17.93 6.91 7.25
C ARG A 276 -19.12 5.95 7.50
N ALA A 277 -19.82 5.56 6.42
CA ALA A 277 -20.99 4.69 6.54
C ALA A 277 -20.63 3.32 7.09
N ALA A 278 -19.41 2.84 6.79
CA ALA A 278 -18.94 1.54 7.28
C ALA A 278 -18.35 1.65 8.69
N GLY A 279 -18.16 2.88 9.18
CA GLY A 279 -17.54 3.06 10.48
C GLY A 279 -16.05 2.73 10.52
N LYS A 280 -15.35 2.91 9.38
CA LYS A 280 -13.93 2.59 9.31
C LYS A 280 -13.20 3.79 8.71
N PRO A 281 -11.89 3.96 9.02
CA PRO A 281 -11.12 5.01 8.34
C PRO A 281 -10.86 4.68 6.88
N CYS A 282 -10.65 5.74 6.10
CA CYS A 282 -10.22 5.68 4.70
C CYS A 282 -8.80 6.20 4.64
N LEU A 283 -7.99 5.56 3.82
CA LEU A 283 -6.63 5.96 3.54
C LEU A 283 -6.46 6.17 2.04
N LEU A 284 -6.08 7.39 1.62
CA LEU A 284 -5.76 7.68 0.22
C LEU A 284 -4.32 7.23 0.04
N GLU A 285 -4.14 5.99 -0.39
CA GLU A 285 -2.91 5.24 -0.26
C GLU A 285 -1.88 5.47 -1.36
N GLU A 286 -2.30 5.97 -2.51
CA GLU A 286 -1.39 6.40 -3.58
C GLU A 286 -2.09 7.48 -4.35
N TYR A 287 -1.31 8.46 -4.82
CA TYR A 287 -1.85 9.44 -5.74
C TYR A 287 -0.72 10.11 -6.44
N GLY A 288 -1.01 10.63 -7.62
CA GLY A 288 -0.01 11.36 -8.37
C GLY A 288 -0.59 11.88 -9.65
N TYR A 289 0.01 12.96 -10.14
CA TYR A 289 -0.31 13.56 -11.43
C TYR A 289 1.00 14.07 -12.01
N GLU A 290 1.20 13.99 -13.33
CA GLU A 290 2.52 14.31 -13.89
C GLU A 290 2.80 15.78 -14.10
N SER A 291 1.76 16.63 -14.22
CA SER A 291 1.93 18.04 -14.58
CA SER A 291 2.01 18.03 -14.54
C SER A 291 1.35 18.98 -13.55
N ASP A 292 1.83 20.25 -13.53
CA ASP A 292 1.32 21.27 -12.63
C ASP A 292 1.12 20.64 -11.25
N ARG A 293 2.14 19.92 -10.83
CA ARG A 293 2.04 18.96 -9.73
C ARG A 293 1.69 19.57 -8.40
N CYS A 294 2.37 20.66 -8.04
CA CYS A 294 2.10 21.30 -6.78
C CYS A 294 0.64 21.74 -6.70
N ASN A 295 0.17 22.48 -7.70
CA ASN A 295 -1.22 22.92 -7.63
C ASN A 295 -2.20 21.78 -7.62
N VAL A 296 -1.99 20.81 -8.51
CA VAL A 296 -2.96 19.73 -8.63
C VAL A 296 -2.99 18.91 -7.35
N GLN A 297 -1.81 18.48 -6.90
CA GLN A 297 -1.81 17.59 -5.74
C GLN A 297 -2.11 18.32 -4.45
N LYS A 298 -1.80 19.62 -4.34
CA LYS A 298 -2.14 20.34 -3.12
C LYS A 298 -3.66 20.45 -3.02
N GLY A 299 -4.37 20.62 -4.14
CA GLY A 299 -5.83 20.67 -4.11
C GLY A 299 -6.40 19.36 -3.55
N TRP A 300 -5.80 18.22 -3.95
CA TRP A 300 -6.28 16.93 -3.45
C TRP A 300 -5.95 16.75 -1.97
N GLN A 301 -4.76 17.17 -1.54
CA GLN A 301 -4.40 17.06 -0.12
C GLN A 301 -5.38 17.91 0.70
N GLN A 302 -5.75 19.12 0.22
CA GLN A 302 -6.73 19.93 0.96
C GLN A 302 -8.09 19.23 1.05
N ALA A 303 -8.55 18.62 -0.03
CA ALA A 303 -9.83 17.93 -0.01
C ALA A 303 -9.79 16.78 0.98
N SER A 304 -8.66 16.07 1.08
CA SER A 304 -8.50 15.00 2.03
C SER A 304 -8.45 15.49 3.48
N ARG A 305 -7.61 16.49 3.76
CA ARG A 305 -7.52 17.05 5.11
C ARG A 305 -8.87 17.60 5.59
N GLU A 306 -9.65 18.22 4.72
CA GLU A 306 -10.97 18.78 5.08
C GLU A 306 -11.91 17.69 5.56
N LEU A 307 -11.69 16.44 5.15
CA LEU A 307 -12.54 15.31 5.54
C LEU A 307 -11.95 14.50 6.68
N SER A 308 -10.97 15.04 7.42
CA SER A 308 -10.29 14.34 8.50
C SER A 308 -11.20 13.89 9.65
N ARG A 309 -12.39 14.49 9.80
CA ARG A 309 -13.29 14.05 10.87
C ARG A 309 -14.48 13.34 10.25
N ASP A 310 -14.47 13.19 8.90
CA ASP A 310 -15.59 12.66 8.13
C ASP A 310 -15.23 11.43 7.27
N GLY A 311 -14.25 10.67 7.71
CA GLY A 311 -13.93 9.42 7.03
C GLY A 311 -12.50 9.28 6.57
N MET A 312 -11.85 10.39 6.20
CA MET A 312 -10.44 10.28 5.80
C MET A 312 -9.57 10.33 7.03
N SER A 313 -8.51 9.53 7.05
CA SER A 313 -7.61 9.67 8.18
C SER A 313 -6.13 9.65 7.79
N GLY A 314 -5.86 9.69 6.48
CA GLY A 314 -4.49 9.83 6.06
C GLY A 314 -4.35 9.75 4.57
N ASP A 315 -3.14 10.05 4.09
CA ASP A 315 -2.83 9.96 2.69
C ASP A 315 -1.36 9.67 2.55
N LEU A 316 -1.04 8.94 1.50
CA LEU A 316 0.35 8.63 1.13
C LEU A 316 0.54 8.96 -0.34
N PHE A 317 1.43 9.89 -0.69
CA PHE A 317 1.68 10.13 -2.10
C PHE A 317 2.56 9.01 -2.68
N TRP A 318 2.45 8.80 -3.97
CA TRP A 318 3.36 7.91 -4.67
C TRP A 318 4.24 8.88 -5.46
N GLN A 319 5.55 8.98 -5.19
CA GLN A 319 6.35 8.14 -4.29
C GLN A 319 7.54 8.95 -3.81
N TRP A 320 8.16 8.41 -2.80
CA TRP A 320 9.36 9.06 -2.27
C TRP A 320 10.53 8.96 -3.24
N GLY A 321 11.31 10.02 -3.24
CA GLY A 321 12.56 10.09 -3.99
C GLY A 321 13.67 10.52 -3.05
N ASP A 322 14.85 9.92 -3.23
CA ASP A 322 15.96 10.27 -2.34
C ASP A 322 17.30 10.11 -3.07
N GLN A 323 18.38 10.33 -2.34
CA GLN A 323 19.76 10.22 -2.82
C GLN A 323 20.42 9.15 -1.96
N LEU A 324 20.81 8.05 -2.60
CA LEU A 324 21.39 6.91 -1.90
C LEU A 324 22.84 6.81 -2.26
N SER A 325 23.53 5.82 -1.67
CA SER A 325 24.93 5.54 -2.03
C SER A 325 25.04 5.23 -3.54
N THR A 326 23.98 4.68 -4.14
CA THR A 326 23.92 4.32 -5.57
C THR A 326 23.40 5.47 -6.46
N GLY A 327 23.20 6.64 -5.86
CA GLY A 327 22.75 7.82 -6.58
C GLY A 327 21.28 8.11 -6.37
N GLN A 328 20.75 8.99 -7.22
CA GLN A 328 19.36 9.40 -7.09
C GLN A 328 18.43 8.25 -7.43
N THR A 329 17.34 8.10 -6.63
CA THR A 329 16.35 7.07 -6.89
C THR A 329 15.53 7.39 -8.13
N HIS A 330 14.83 6.38 -8.64
CA HIS A 330 14.16 6.52 -9.91
C HIS A 330 13.02 7.53 -9.95
N ASN A 331 12.98 8.25 -11.08
CA ASN A 331 11.93 9.21 -11.36
C ASN A 331 10.98 8.56 -12.37
N ASP A 332 9.80 8.15 -11.90
CA ASP A 332 8.82 7.51 -12.76
C ASP A 332 7.76 8.53 -13.22
N GLY A 333 8.01 9.82 -12.97
CA GLY A 333 7.09 10.88 -13.32
C GLY A 333 6.22 11.28 -12.13
N PHE A 334 6.20 10.45 -11.08
CA PHE A 334 5.47 10.76 -9.85
C PHE A 334 6.39 10.95 -8.65
N THR A 335 7.65 10.63 -8.77
CA THR A 335 8.57 10.77 -7.64
C THR A 335 8.63 12.21 -7.13
N ILE A 336 8.63 12.35 -5.80
CA ILE A 336 8.80 13.65 -5.14
C ILE A 336 10.07 13.50 -4.33
N TYR A 337 11.15 14.26 -4.72
CA TYR A 337 12.44 14.06 -4.06
C TYR A 337 12.56 14.85 -2.78
N TYR A 338 13.10 14.21 -1.78
CA TYR A 338 13.39 14.88 -0.53
C TYR A 338 14.32 16.08 -0.81
N GLY A 339 13.99 17.20 -0.18
CA GLY A 339 14.73 18.45 -0.31
C GLY A 339 14.34 19.28 -1.51
N SER A 340 13.51 18.76 -2.41
CA SER A 340 13.17 19.52 -3.62
C SER A 340 12.08 20.59 -3.34
N SER A 341 11.91 21.57 -4.27
CA SER A 341 10.80 22.52 -4.07
C SER A 341 9.43 21.81 -4.11
N LEU A 342 9.30 20.72 -4.90
CA LEU A 342 8.01 20.04 -4.95
C LEU A 342 7.74 19.39 -3.57
N ALA A 343 8.79 18.88 -2.88
CA ALA A 343 8.60 18.35 -1.53
C ALA A 343 8.23 19.44 -0.54
N THR A 344 8.70 20.68 -0.75
CA THR A 344 8.28 21.71 0.17
C THR A 344 6.78 21.93 0.02
N CYS A 345 6.29 21.90 -1.22
CA CYS A 345 4.86 22.10 -1.48
C CYS A 345 4.02 20.93 -0.94
N LEU A 346 4.41 19.70 -1.27
CA LEU A 346 3.57 18.53 -1.03
C LEU A 346 3.90 17.74 0.21
N VAL A 347 4.98 18.11 0.91
CA VAL A 347 5.36 17.43 2.15
C VAL A 347 5.40 18.46 3.27
N THR A 348 6.31 19.44 3.21
CA THR A 348 6.39 20.40 4.31
C THR A 348 5.09 21.12 4.54
N ASP A 349 4.52 21.72 3.49
CA ASP A 349 3.32 22.50 3.68
C ASP A 349 2.15 21.64 4.09
N HIS A 350 2.11 20.41 3.61
CA HIS A 350 1.04 19.48 3.94
C HIS A 350 1.08 19.12 5.41
N VAL A 351 2.23 18.71 5.91
CA VAL A 351 2.40 18.38 7.32
C VAL A 351 2.07 19.60 8.21
N ARG A 352 2.46 20.82 7.77
CA ARG A 352 2.14 21.99 8.58
C ARG A 352 0.62 22.20 8.58
N ALA A 353 -0.06 22.01 7.40
CA ALA A 353 -1.51 22.17 7.40
C ALA A 353 -2.20 21.08 8.25
N ILE A 354 -1.65 19.84 8.28
CA ILE A 354 -2.24 18.76 9.11
C ILE A 354 -2.13 19.15 10.59
N ASN A 355 -0.97 19.68 10.99
CA ASN A 355 -0.76 20.08 12.38
C ASN A 355 -1.67 21.21 12.80
N ALA A 356 -2.19 21.96 11.86
CA ALA A 356 -3.10 23.06 12.14
C ALA A 356 -4.57 22.64 12.16
N LEU A 357 -4.89 21.36 11.86
CA LEU A 357 -6.30 20.94 11.84
C LEU A 357 -6.90 20.99 13.24
N PRO A 358 -8.20 21.34 13.37
CA PRO A 358 -8.80 21.39 14.72
C PRO A 358 -8.85 20.02 15.39
N ALA A 359 -8.77 20.02 16.72
CA ALA A 359 -8.79 18.81 17.55
C ALA A 359 -9.99 18.82 18.48
#